data_6UFZ
#
_entry.id   6UFZ
#
_cell.length_a   35.877
_cell.length_b   75.378
_cell.length_c   79.148
_cell.angle_alpha   90.00
_cell.angle_beta   90.00
_cell.angle_gamma   90.00
#
_symmetry.space_group_name_H-M   'P 21 21 21'
#
loop_
_entity.id
_entity.type
_entity.pdbx_description
1 polymer 'Glyco_hydro_cc domain-containing protein'
2 water water
#
_entity_poly.entity_id   1
_entity_poly.type   'polypeptide(L)'
_entity_poly.pdbx_seq_one_letter_code
;MGSSHHHHHHSSGLVPAGSHMAGTKKGVSAAAFSGVTAALGDVGARWFYTWAADPQGITAPAGTEFVPMIWGRDSVTADQ
LQRAKAAGSTLLAFNEPDLAGQANMSVETALDLWPQLQATGMRLGAPAVAYGGDTPGGWLDRFMSGAAARGYRVDFIPLH
WYGGDFSAAATGQLQSYLQAVYNRYHRPIWLTQYALTDFSGSTPRYPSAAEQADFVSRSTAMLNGLSFVERYAWFSLSTS
TTPTGLYTGTTPNSSGVAYRAAG
;
_entity_poly.pdbx_strand_id   A
#
# COMPACT_ATOMS: atom_id res chain seq x y z
N THR A 24 13.73 -7.72 5.61
CA THR A 24 12.37 -8.05 4.97
C THR A 24 11.40 -6.88 5.24
N LYS A 25 11.18 -6.04 4.22
CA LYS A 25 10.02 -5.11 4.20
C LYS A 25 9.28 -5.22 2.85
N LYS A 26 9.94 -5.70 1.79
CA LYS A 26 9.60 -5.47 0.37
C LYS A 26 8.48 -6.43 -0.03
N GLY A 27 7.38 -5.87 -0.50
CA GLY A 27 6.26 -6.61 -1.08
C GLY A 27 5.76 -5.97 -2.35
N VAL A 28 4.60 -6.45 -2.80
CA VAL A 28 4.02 -5.92 -4.05
C VAL A 28 2.51 -6.12 -4.00
N SER A 29 1.76 -5.19 -4.58
CA SER A 29 0.33 -5.34 -4.96
C SER A 29 0.31 -6.27 -6.19
N ALA A 30 -0.63 -7.20 -6.30
CA ALA A 30 -0.72 -8.08 -7.49
C ALA A 30 -2.19 -8.41 -7.84
N ALA A 31 -2.50 -8.36 -9.14
CA ALA A 31 -3.67 -9.00 -9.77
C ALA A 31 -3.27 -10.45 -10.07
N ALA A 32 -4.22 -11.35 -10.33
CA ALA A 32 -3.88 -12.76 -10.66
C ALA A 32 -3.61 -12.90 -12.16
N PHE A 33 -2.73 -12.05 -12.71
CA PHE A 33 -2.27 -12.11 -14.13
C PHE A 33 -1.50 -13.41 -14.42
N SER A 34 -1.49 -13.76 -15.70
CA SER A 34 -0.82 -14.97 -16.22
C SER A 34 0.68 -14.82 -16.02
N GLY A 35 1.32 -15.66 -15.19
CA GLY A 35 2.74 -15.56 -14.84
C GLY A 35 2.97 -14.96 -13.48
N VAL A 36 1.93 -14.65 -12.72
CA VAL A 36 2.05 -13.97 -11.40
C VAL A 36 2.97 -14.77 -10.45
N THR A 37 2.83 -16.10 -10.37
CA THR A 37 3.59 -16.93 -9.42
C THR A 37 5.09 -16.88 -9.77
N ALA A 38 5.46 -16.91 -11.06
CA ALA A 38 6.85 -16.74 -11.53
C ALA A 38 7.35 -15.32 -11.20
N ALA A 39 6.51 -14.28 -11.37
CA ALA A 39 6.91 -12.89 -11.13
C ALA A 39 7.26 -12.73 -9.66
N LEU A 40 6.41 -13.28 -8.82
CA LEU A 40 6.53 -13.17 -7.36
C LEU A 40 7.82 -13.87 -6.93
N GLY A 41 8.05 -15.06 -7.46
CA GLY A 41 9.30 -15.81 -7.21
C GLY A 41 10.55 -15.08 -7.74
N ASP A 42 10.50 -14.52 -8.94
CA ASP A 42 11.63 -13.80 -9.56
C ASP A 42 11.94 -12.51 -8.76
N VAL A 43 10.91 -11.74 -8.38
CA VAL A 43 11.14 -10.39 -7.79
C VAL A 43 11.53 -10.48 -6.31
N GLY A 44 11.23 -11.61 -5.68
CA GLY A 44 11.54 -11.86 -4.26
C GLY A 44 10.67 -11.06 -3.35
N ALA A 45 9.36 -11.01 -3.65
CA ALA A 45 8.41 -10.32 -2.77
C ALA A 45 8.38 -11.13 -1.48
N ARG A 46 8.47 -10.48 -0.33
CA ARG A 46 8.40 -11.13 1.01
C ARG A 46 6.95 -11.12 1.49
N TRP A 47 6.09 -10.33 0.85
CA TRP A 47 4.64 -10.37 1.11
C TRP A 47 3.92 -9.79 -0.11
N PHE A 48 2.62 -9.99 -0.14
CA PHE A 48 1.79 -9.37 -1.19
C PHE A 48 0.37 -9.18 -0.68
N TYR A 49 -0.33 -8.31 -1.41
CA TYR A 49 -1.77 -8.07 -1.25
C TYR A 49 -2.40 -7.87 -2.63
N THR A 50 -3.72 -7.96 -2.67
CA THR A 50 -4.54 -8.14 -3.90
C THR A 50 -5.76 -7.17 -3.92
N TRP A 51 -5.82 -6.27 -2.95
CA TRP A 51 -6.95 -5.33 -2.72
C TRP A 51 -8.23 -6.08 -2.31
N ALA A 52 -8.16 -7.36 -1.97
CA ALA A 52 -9.29 -8.23 -1.62
C ALA A 52 -9.02 -8.93 -0.30
N ALA A 53 -10.07 -9.56 0.20
CA ALA A 53 -10.06 -10.36 1.45
C ALA A 53 -9.29 -11.67 1.27
N ASP A 54 -8.94 -12.06 0.03
CA ASP A 54 -8.19 -13.32 -0.21
C ASP A 54 -7.22 -13.09 -1.37
N PRO A 55 -6.34 -14.07 -1.66
CA PRO A 55 -5.28 -13.94 -2.67
C PRO A 55 -5.73 -13.93 -4.13
N GLN A 56 -7.03 -14.00 -4.37
CA GLN A 56 -7.62 -13.71 -5.71
C GLN A 56 -7.12 -14.75 -6.74
N GLY A 57 -6.95 -15.99 -6.30
CA GLY A 57 -6.47 -17.07 -7.18
C GLY A 57 -4.97 -17.09 -7.28
N ILE A 58 -4.24 -16.18 -6.63
CA ILE A 58 -2.75 -16.17 -6.69
C ILE A 58 -2.22 -17.31 -5.84
N THR A 59 -1.30 -18.09 -6.42
CA THR A 59 -0.56 -19.12 -5.72
C THR A 59 0.79 -18.48 -5.43
N ALA A 60 1.20 -18.42 -4.17
CA ALA A 60 2.47 -17.83 -3.75
C ALA A 60 3.20 -18.80 -2.83
N PRO A 61 4.54 -18.91 -2.94
CA PRO A 61 5.31 -19.77 -2.06
C PRO A 61 5.37 -19.22 -0.62
N ALA A 62 5.60 -20.10 0.35
CA ALA A 62 6.10 -19.75 1.70
C ALA A 62 7.16 -18.65 1.60
N GLY A 63 7.09 -17.63 2.46
CA GLY A 63 7.99 -16.46 2.44
C GLY A 63 7.45 -15.40 1.49
N THR A 64 6.14 -15.46 1.21
CA THR A 64 5.41 -14.43 0.46
C THR A 64 4.05 -14.30 1.13
N GLU A 65 4.03 -13.78 2.36
CA GLU A 65 2.84 -13.68 3.24
C GLU A 65 1.74 -12.89 2.52
N PHE A 66 0.53 -13.42 2.57
CA PHE A 66 -0.64 -12.75 1.97
C PHE A 66 -1.20 -11.81 3.02
N VAL A 67 -1.56 -10.60 2.63
CA VAL A 67 -2.15 -9.64 3.60
C VAL A 67 -3.51 -9.25 3.06
N PRO A 68 -4.57 -9.68 3.77
CA PRO A 68 -5.95 -9.33 3.38
C PRO A 68 -6.30 -7.85 3.56
N MET A 69 -7.27 -7.43 2.75
CA MET A 69 -7.78 -6.03 2.67
C MET A 69 -9.31 -6.02 2.56
N ILE A 70 -9.92 -5.13 3.32
CA ILE A 70 -11.34 -4.72 3.19
C ILE A 70 -11.30 -3.42 2.40
N TRP A 71 -11.66 -3.48 1.11
CA TRP A 71 -11.37 -2.39 0.15
C TRP A 71 -12.31 -1.19 0.37
N GLY A 72 -13.60 -1.44 0.60
CA GLY A 72 -14.63 -0.41 0.65
C GLY A 72 -15.76 -0.71 1.60
N ARG A 73 -16.80 0.12 1.57
CA ARG A 73 -18.00 0.00 2.46
C ARG A 73 -18.69 -1.34 2.22
N ASP A 74 -18.64 -1.84 0.98
CA ASP A 74 -19.32 -3.09 0.55
C ASP A 74 -18.62 -4.34 1.04
N SER A 75 -17.34 -4.34 1.47
CA SER A 75 -16.70 -5.59 1.95
C SER A 75 -16.82 -5.69 3.46
N VAL A 76 -17.66 -4.88 4.08
CA VAL A 76 -17.80 -4.84 5.56
C VAL A 76 -19.02 -5.70 5.89
N THR A 77 -18.90 -7.00 5.74
CA THR A 77 -19.97 -7.97 6.03
C THR A 77 -19.34 -9.15 6.76
N ALA A 78 -20.12 -9.85 7.59
CA ALA A 78 -19.60 -10.95 8.43
C ALA A 78 -18.87 -11.96 7.53
N ASP A 79 -19.34 -12.16 6.29
CA ASP A 79 -18.80 -13.16 5.32
C ASP A 79 -17.41 -12.71 4.91
N GLN A 80 -17.31 -11.48 4.43
CA GLN A 80 -16.07 -10.90 3.90
C GLN A 80 -15.01 -10.83 5.00
N LEU A 81 -15.43 -10.45 6.21
CA LEU A 81 -14.51 -10.28 7.36
C LEU A 81 -14.04 -11.67 7.85
N GLN A 82 -14.93 -12.67 7.83
CA GLN A 82 -14.64 -14.10 8.19
C GLN A 82 -13.53 -14.62 7.25
N ARG A 83 -13.74 -14.38 5.96
CA ARG A 83 -12.85 -14.78 4.84
C ARG A 83 -11.46 -14.17 5.05
N ALA A 84 -11.37 -12.85 5.21
CA ALA A 84 -10.12 -12.13 5.57
C ALA A 84 -9.38 -12.85 6.71
N LYS A 85 -10.11 -13.07 7.80
CA LYS A 85 -9.61 -13.63 9.09
C LYS A 85 -9.09 -15.06 8.91
N ALA A 86 -9.71 -15.85 8.03
CA ALA A 86 -9.21 -17.18 7.63
C ALA A 86 -7.87 -17.04 6.88
N ALA A 87 -7.61 -15.91 6.22
CA ALA A 87 -6.55 -15.74 5.20
C ALA A 87 -5.28 -15.12 5.80
N GLY A 88 -5.34 -14.51 6.99
CA GLY A 88 -4.17 -13.84 7.58
C GLY A 88 -4.42 -13.42 9.01
N SER A 89 -3.41 -12.81 9.64
CA SER A 89 -3.44 -12.21 11.00
C SER A 89 -3.46 -10.69 10.91
N THR A 90 -3.20 -10.10 9.74
CA THR A 90 -3.04 -8.63 9.57
C THR A 90 -3.97 -8.19 8.43
N LEU A 91 -4.71 -7.10 8.67
CA LEU A 91 -5.82 -6.58 7.83
C LEU A 91 -5.55 -5.12 7.41
N LEU A 92 -5.64 -4.88 6.11
CA LEU A 92 -5.60 -3.52 5.53
C LEU A 92 -7.03 -3.01 5.38
N ALA A 93 -7.32 -1.82 5.87
CA ALA A 93 -8.63 -1.20 5.71
C ALA A 93 -8.76 -0.51 4.31
N PHE A 94 -9.76 0.35 4.18
CA PHE A 94 -10.29 0.87 2.90
C PHE A 94 -9.21 1.53 2.05
N ASN A 95 -9.35 1.32 0.75
CA ASN A 95 -8.35 1.72 -0.25
C ASN A 95 -8.77 3.07 -0.82
N GLU A 96 -8.02 4.12 -0.48
CA GLU A 96 -8.14 5.46 -1.10
C GLU A 96 -9.55 6.00 -0.88
N PRO A 97 -10.01 6.03 0.38
CA PRO A 97 -11.34 6.57 0.68
C PRO A 97 -11.52 8.02 0.26
N ASP A 98 -10.40 8.74 0.14
CA ASP A 98 -10.32 10.18 -0.19
C ASP A 98 -10.54 10.41 -1.69
N LEU A 99 -10.57 9.37 -2.51
CA LEU A 99 -10.80 9.50 -3.97
C LEU A 99 -12.20 9.00 -4.32
N ALA A 100 -12.89 9.76 -5.19
CA ALA A 100 -14.21 9.46 -5.77
C ALA A 100 -14.17 8.11 -6.50
N GLY A 101 -13.03 7.77 -7.11
CA GLY A 101 -12.88 6.57 -7.96
C GLY A 101 -12.52 5.34 -7.17
N GLN A 102 -12.28 5.43 -5.86
CA GLN A 102 -11.84 4.27 -5.04
C GLN A 102 -12.88 4.05 -3.93
N ALA A 103 -12.46 3.90 -2.67
CA ALA A 103 -13.38 3.55 -1.56
C ALA A 103 -14.42 4.67 -1.37
N ASN A 104 -14.08 5.91 -1.73
CA ASN A 104 -15.03 7.04 -1.88
C ASN A 104 -15.85 7.15 -0.58
N MET A 105 -15.19 7.33 0.55
CA MET A 105 -15.82 7.13 1.88
C MET A 105 -15.51 8.33 2.74
N SER A 106 -16.52 8.84 3.47
CA SER A 106 -16.34 9.93 4.46
C SER A 106 -15.54 9.41 5.65
N VAL A 107 -14.85 10.30 6.37
CA VAL A 107 -14.11 9.93 7.61
C VAL A 107 -15.10 9.32 8.59
N GLU A 108 -16.25 9.99 8.76
CA GLU A 108 -17.34 9.57 9.69
C GLU A 108 -17.75 8.13 9.32
N THR A 109 -17.95 7.85 8.04
CA THR A 109 -18.32 6.45 7.65
C THR A 109 -17.24 5.46 8.04
N ALA A 110 -15.97 5.77 7.78
CA ALA A 110 -14.84 4.87 8.14
C ALA A 110 -14.76 4.57 9.65
N LEU A 111 -14.88 5.58 10.50
CA LEU A 111 -14.89 5.45 11.98
C LEU A 111 -16.13 4.65 12.41
N ASP A 112 -17.27 4.92 11.79
CA ASP A 112 -18.53 4.23 12.17
C ASP A 112 -18.44 2.76 11.79
N LEU A 113 -17.65 2.37 10.78
CA LEU A 113 -17.50 0.93 10.40
C LEU A 113 -16.39 0.25 11.22
N TRP A 114 -15.48 1.07 11.78
CA TRP A 114 -14.19 0.63 12.37
C TRP A 114 -14.43 -0.51 13.34
N PRO A 115 -15.45 -0.44 14.22
CA PRO A 115 -15.72 -1.52 15.16
C PRO A 115 -15.94 -2.88 14.49
N GLN A 116 -16.49 -2.93 13.26
CA GLN A 116 -16.75 -4.19 12.49
C GLN A 116 -15.37 -4.75 12.10
N LEU A 117 -14.41 -3.88 11.75
CA LEU A 117 -13.04 -4.33 11.39
C LEU A 117 -12.28 -4.76 12.65
N GLN A 118 -12.47 -4.06 13.78
CA GLN A 118 -11.90 -4.46 15.10
C GLN A 118 -12.35 -5.87 15.49
N ALA A 119 -13.58 -6.23 15.15
CA ALA A 119 -14.23 -7.51 15.48
C ALA A 119 -13.57 -8.69 14.77
N THR A 120 -12.71 -8.48 13.78
CA THR A 120 -11.89 -9.57 13.18
C THR A 120 -10.85 -10.02 14.21
N GLY A 121 -10.46 -9.13 15.13
CA GLY A 121 -9.36 -9.34 16.09
C GLY A 121 -7.97 -9.21 15.47
N MET A 122 -7.89 -9.05 14.15
CA MET A 122 -6.64 -8.98 13.36
C MET A 122 -5.92 -7.67 13.68
N ARG A 123 -4.60 -7.72 13.50
CA ARG A 123 -3.75 -6.52 13.45
C ARG A 123 -4.29 -5.64 12.31
N LEU A 124 -4.62 -4.39 12.66
CA LEU A 124 -5.49 -3.49 11.87
C LEU A 124 -4.71 -2.31 11.31
N GLY A 125 -4.68 -2.21 9.99
CA GLY A 125 -4.13 -1.05 9.26
C GLY A 125 -5.21 -0.08 8.91
N ALA A 126 -4.95 1.18 9.17
CA ALA A 126 -5.80 2.30 8.76
C ALA A 126 -6.14 2.23 7.28
N PRO A 127 -7.25 2.89 6.92
CA PRO A 127 -7.58 3.14 5.53
C PRO A 127 -6.39 3.88 4.90
N ALA A 128 -6.08 3.58 3.64
CA ALA A 128 -4.85 4.07 2.98
C ALA A 128 -5.22 5.26 2.11
N VAL A 129 -4.92 6.46 2.57
CA VAL A 129 -5.24 7.65 1.73
C VAL A 129 -4.24 7.76 0.58
N ALA A 130 -4.74 8.26 -0.54
CA ALA A 130 -3.96 8.52 -1.77
C ALA A 130 -3.13 9.78 -1.56
N TYR A 131 -3.66 10.79 -0.88
CA TYR A 131 -3.06 12.14 -0.72
C TYR A 131 -3.31 12.68 0.69
N GLY A 132 -2.49 13.62 1.16
CA GLY A 132 -2.86 14.57 2.24
C GLY A 132 -2.68 14.00 3.63
N GLY A 133 -2.01 12.85 3.75
CA GLY A 133 -1.86 12.13 5.02
C GLY A 133 -1.22 12.97 6.12
N ASP A 134 -0.45 13.99 5.74
CA ASP A 134 0.28 14.89 6.68
C ASP A 134 -0.50 16.18 6.88
N THR A 135 -1.59 16.39 6.15
CA THR A 135 -2.33 17.68 6.17
C THR A 135 -3.26 17.75 7.39
N PRO A 136 -3.11 18.77 8.26
CA PRO A 136 -4.07 19.00 9.33
C PRO A 136 -5.49 19.22 8.80
N GLY A 137 -6.49 18.57 9.43
CA GLY A 137 -7.91 18.70 9.03
C GLY A 137 -8.22 17.87 7.81
N GLY A 138 -7.22 17.20 7.22
CA GLY A 138 -7.38 16.37 6.01
C GLY A 138 -7.93 14.99 6.37
N TRP A 139 -8.10 14.11 5.39
CA TRP A 139 -8.82 12.83 5.60
C TRP A 139 -8.12 11.96 6.67
N LEU A 140 -6.83 11.63 6.54
CA LEU A 140 -6.13 10.71 7.46
C LEU A 140 -6.03 11.36 8.85
N ASP A 141 -5.77 12.65 8.87
CA ASP A 141 -5.72 13.40 10.16
C ASP A 141 -7.05 13.21 10.91
N ARG A 142 -8.18 13.37 10.23
CA ARG A 142 -9.50 13.38 10.88
C ARG A 142 -9.83 11.96 11.33
N PHE A 143 -9.47 10.97 10.52
CA PHE A 143 -9.70 9.56 10.85
C PHE A 143 -8.82 9.24 12.07
N MET A 144 -7.51 9.53 12.01
CA MET A 144 -6.62 9.11 13.14
C MET A 144 -7.08 9.84 14.41
N SER A 145 -7.46 11.11 14.29
CA SER A 145 -7.99 11.95 15.41
C SER A 145 -9.21 11.24 16.06
N GLY A 146 -10.24 10.92 15.28
CA GLY A 146 -11.49 10.31 15.79
C GLY A 146 -11.26 8.92 16.34
N ALA A 147 -10.40 8.16 15.68
CA ALA A 147 -10.05 6.79 16.11
C ALA A 147 -9.47 6.88 17.52
N ALA A 148 -8.53 7.77 17.79
CA ALA A 148 -7.89 7.83 19.12
C ALA A 148 -8.91 8.38 20.14
N ALA A 149 -9.72 9.38 19.75
CA ALA A 149 -10.74 9.99 20.65
C ALA A 149 -11.73 8.91 21.07
N ARG A 150 -12.18 8.06 20.14
CA ARG A 150 -13.18 6.97 20.43
C ARG A 150 -12.51 5.77 21.10
N GLY A 151 -11.19 5.73 21.17
CA GLY A 151 -10.47 4.64 21.85
C GLY A 151 -10.41 3.42 20.94
N TYR A 152 -10.37 3.66 19.65
CA TYR A 152 -10.27 2.56 18.66
C TYR A 152 -8.81 2.18 18.46
N ARG A 153 -8.61 1.04 17.84
CA ARG A 153 -7.31 0.39 17.65
C ARG A 153 -6.88 0.69 16.20
N VAL A 154 -5.75 1.37 16.00
CA VAL A 154 -5.12 1.50 14.65
C VAL A 154 -3.66 1.14 14.82
N ASP A 155 -3.32 -0.12 14.54
CA ASP A 155 -2.05 -0.76 14.92
C ASP A 155 -0.94 -0.18 14.01
N PHE A 156 -1.24 0.22 12.75
CA PHE A 156 -0.27 0.77 11.76
C PHE A 156 -1.02 1.53 10.68
N ILE A 157 -0.30 2.33 9.92
CA ILE A 157 -0.88 3.29 8.96
C ILE A 157 -0.30 2.95 7.61
N PRO A 158 -1.10 2.22 6.80
CA PRO A 158 -0.89 2.14 5.36
C PRO A 158 -0.97 3.54 4.74
N LEU A 159 -0.02 3.82 3.85
CA LEU A 159 0.03 5.08 3.07
C LEU A 159 0.22 4.77 1.61
N HIS A 160 -0.28 5.64 0.76
CA HIS A 160 0.04 5.67 -0.68
C HIS A 160 0.85 6.91 -0.96
N TRP A 161 1.53 6.92 -2.09
CA TRP A 161 2.29 8.11 -2.53
C TRP A 161 2.41 8.06 -4.06
N TYR A 162 1.94 9.12 -4.72
CA TYR A 162 2.01 9.35 -6.18
C TYR A 162 2.82 10.63 -6.39
N GLY A 163 4.12 10.49 -6.62
CA GLY A 163 5.02 11.63 -6.79
C GLY A 163 4.84 12.26 -8.14
N GLY A 164 4.76 13.59 -8.23
CA GLY A 164 4.68 14.29 -9.54
C GLY A 164 6.01 14.89 -10.01
N ASP A 165 6.99 14.94 -9.13
CA ASP A 165 8.37 15.36 -9.43
C ASP A 165 9.11 14.09 -9.82
N PHE A 166 9.51 13.99 -11.08
CA PHE A 166 10.06 12.72 -11.63
C PHE A 166 11.59 12.70 -11.57
N SER A 167 12.22 13.63 -10.86
CA SER A 167 13.70 13.78 -10.72
C SER A 167 14.23 12.90 -9.57
N ALA A 168 15.54 12.91 -9.34
CA ALA A 168 16.14 12.17 -8.19
C ALA A 168 15.75 12.83 -6.87
N ALA A 169 15.04 13.96 -6.90
CA ALA A 169 14.51 14.65 -5.70
C ALA A 169 13.31 13.90 -5.11
N ALA A 170 12.69 12.98 -5.86
CA ALA A 170 11.42 12.34 -5.45
C ALA A 170 11.62 11.57 -4.14
N THR A 171 12.74 10.87 -4.02
CA THR A 171 13.04 10.03 -2.84
C THR A 171 12.96 10.90 -1.57
N GLY A 172 13.61 12.05 -1.55
CA GLY A 172 13.59 12.95 -0.38
C GLY A 172 12.20 13.44 -0.09
N GLN A 173 11.44 13.76 -1.14
CA GLN A 173 10.02 14.17 -1.00
C GLN A 173 9.19 13.06 -0.36
N LEU A 174 9.33 11.82 -0.82
CA LEU A 174 8.62 10.69 -0.18
C LEU A 174 9.05 10.54 1.28
N GLN A 175 10.35 10.61 1.53
N GLN A 175 10.36 10.54 1.54
CA GLN A 175 10.96 10.59 2.89
CA GLN A 175 10.97 10.48 2.90
C GLN A 175 10.27 11.64 3.78
C GLN A 175 10.32 11.53 3.82
N SER A 176 10.13 12.86 3.28
N SER A 176 10.14 12.74 3.27
CA SER A 176 9.55 14.00 4.03
CA SER A 176 9.59 13.92 3.99
C SER A 176 8.08 13.72 4.33
C SER A 176 8.12 13.68 4.33
N TYR A 177 7.33 13.19 3.36
CA TYR A 177 5.92 12.81 3.55
C TYR A 177 5.80 11.75 4.65
N LEU A 178 6.55 10.67 4.48
CA LEU A 178 6.62 9.53 5.43
C LEU A 178 6.97 10.03 6.83
N GLN A 179 8.00 10.88 6.95
CA GLN A 179 8.39 11.33 8.30
C GLN A 179 7.25 12.14 8.90
N ALA A 180 6.58 13.02 8.13
CA ALA A 180 5.55 13.96 8.65
C ALA A 180 4.40 13.13 9.21
N VAL A 181 4.04 12.04 8.51
CA VAL A 181 2.86 11.22 8.88
C VAL A 181 3.21 10.55 10.20
N TYR A 182 4.39 9.97 10.23
CA TYR A 182 4.86 9.23 11.42
C TYR A 182 4.94 10.18 12.61
N ASN A 183 5.35 11.42 12.35
CA ASN A 183 5.44 12.52 13.35
C ASN A 183 4.03 12.86 13.85
N ARG A 184 3.02 12.86 12.96
CA ARG A 184 1.65 13.32 13.35
C ARG A 184 1.02 12.26 14.25
N TYR A 185 1.16 10.97 13.91
CA TYR A 185 0.27 9.87 14.43
C TYR A 185 1.05 8.88 15.32
N HIS A 186 2.36 8.72 15.16
CA HIS A 186 3.19 7.87 16.05
C HIS A 186 2.70 6.43 15.99
N ARG A 187 2.44 5.95 14.78
CA ARG A 187 2.17 4.53 14.46
C ARG A 187 3.14 4.10 13.37
N PRO A 188 3.58 2.84 13.35
CA PRO A 188 4.43 2.37 12.24
C PRO A 188 3.66 2.47 10.90
N ILE A 189 4.41 2.63 9.81
CA ILE A 189 3.86 2.87 8.46
C ILE A 189 4.15 1.66 7.54
N TRP A 190 3.18 1.37 6.70
CA TRP A 190 3.39 0.58 5.45
C TRP A 190 3.19 1.49 4.25
N LEU A 191 4.12 1.50 3.32
CA LEU A 191 3.89 2.24 2.06
C LEU A 191 3.30 1.26 1.06
N THR A 192 1.97 1.16 0.99
CA THR A 192 1.30 -0.06 0.45
C THR A 192 1.06 0.08 -1.06
N GLN A 193 1.26 1.27 -1.62
CA GLN A 193 0.94 1.62 -3.03
C GLN A 193 1.67 2.93 -3.35
N TYR A 194 2.80 2.86 -4.10
CA TYR A 194 3.57 4.06 -4.48
C TYR A 194 4.16 3.90 -5.88
N ALA A 195 4.32 5.05 -6.52
CA ALA A 195 4.95 5.18 -7.85
C ALA A 195 5.18 6.65 -8.11
N LEU A 196 5.95 6.95 -9.16
CA LEU A 196 5.90 8.27 -9.81
C LEU A 196 4.66 8.24 -10.73
N THR A 197 3.65 9.06 -10.44
CA THR A 197 2.54 9.30 -11.36
C THR A 197 1.92 10.62 -10.98
N ASP A 198 1.57 11.40 -12.00
CA ASP A 198 0.91 12.71 -11.82
C ASP A 198 -0.45 12.71 -12.57
N PHE A 199 -1.47 13.26 -11.94
CA PHE A 199 -2.89 13.05 -12.33
C PHE A 199 -3.48 14.40 -12.83
N THR A 203 -5.51 13.44 -18.14
CA THR A 203 -4.53 12.34 -18.39
C THR A 203 -3.54 12.16 -17.23
N PRO A 204 -3.27 10.91 -16.78
CA PRO A 204 -2.12 10.64 -15.91
C PRO A 204 -0.84 10.98 -16.69
N ARG A 205 0.13 11.53 -15.98
CA ARG A 205 1.46 11.89 -16.49
C ARG A 205 2.46 10.91 -15.86
N TYR A 206 3.42 10.38 -16.65
CA TYR A 206 4.31 9.29 -16.19
C TYR A 206 5.77 9.65 -16.37
N PRO A 207 6.69 9.06 -15.57
CA PRO A 207 8.12 9.28 -15.78
C PRO A 207 8.63 8.51 -17.02
N SER A 208 9.81 8.86 -17.54
CA SER A 208 10.55 7.98 -18.47
C SER A 208 10.82 6.66 -17.75
N ALA A 209 11.16 5.60 -18.49
CA ALA A 209 11.57 4.29 -17.95
C ALA A 209 12.78 4.47 -17.02
N ALA A 210 13.70 5.34 -17.40
CA ALA A 210 14.99 5.50 -16.68
C ALA A 210 14.74 6.25 -15.38
N GLU A 211 13.94 7.29 -15.47
CA GLU A 211 13.50 8.05 -14.29
C GLU A 211 12.84 7.06 -13.33
N GLN A 212 11.97 6.17 -13.84
CA GLN A 212 11.19 5.25 -12.98
C GLN A 212 12.14 4.26 -12.31
N ALA A 213 13.09 3.69 -13.06
CA ALA A 213 14.00 2.64 -12.56
C ALA A 213 14.92 3.25 -11.51
N ASP A 214 15.41 4.44 -11.77
CA ASP A 214 16.25 5.17 -10.79
C ASP A 214 15.46 5.44 -9.50
N PHE A 215 14.17 5.78 -9.62
CA PHE A 215 13.34 6.09 -8.42
C PHE A 215 13.06 4.78 -7.67
N VAL A 216 12.77 3.69 -8.37
CA VAL A 216 12.62 2.37 -7.71
C VAL A 216 13.88 2.10 -6.87
N SER A 217 15.06 2.32 -7.45
CA SER A 217 16.38 2.09 -6.82
C SER A 217 16.54 2.98 -5.58
N ARG A 218 16.41 4.29 -5.77
CA ARG A 218 16.73 5.25 -4.69
C ARG A 218 15.70 5.10 -3.58
N SER A 219 14.42 4.98 -3.96
CA SER A 219 13.28 5.01 -2.99
C SER A 219 13.36 3.79 -2.07
N THR A 220 13.64 2.60 -2.61
CA THR A 220 13.72 1.36 -1.79
C THR A 220 14.92 1.42 -0.84
N ALA A 221 16.06 1.97 -1.25
CA ALA A 221 17.23 2.11 -0.36
C ALA A 221 16.86 3.03 0.82
N MET A 222 16.25 4.18 0.54
CA MET A 222 15.72 5.09 1.58
C MET A 222 14.69 4.38 2.47
N LEU A 223 13.78 3.60 1.91
CA LEU A 223 12.75 2.93 2.73
C LEU A 223 13.38 1.85 3.60
N ASN A 224 14.40 1.11 3.09
CA ASN A 224 15.10 0.06 3.87
C ASN A 224 15.67 0.70 5.15
N GLY A 225 16.06 1.98 5.13
CA GLY A 225 16.71 2.65 6.27
C GLY A 225 15.71 3.31 7.23
N LEU A 226 14.48 3.56 6.77
CA LEU A 226 13.45 4.28 7.53
C LEU A 226 12.85 3.28 8.54
N SER A 227 13.32 3.29 9.78
CA SER A 227 12.98 2.26 10.78
C SER A 227 11.48 2.27 11.19
N PHE A 228 10.67 3.31 10.96
CA PHE A 228 9.21 3.26 11.30
C PHE A 228 8.39 2.64 10.15
N VAL A 229 9.02 2.41 8.99
CA VAL A 229 8.37 1.79 7.80
C VAL A 229 8.64 0.29 7.92
N GLU A 230 7.57 -0.48 8.18
CA GLU A 230 7.67 -1.95 8.37
C GLU A 230 7.69 -2.61 7.00
N ARG A 231 6.94 -2.07 6.04
CA ARG A 231 6.74 -2.71 4.73
C ARG A 231 6.48 -1.69 3.65
N TYR A 232 6.85 -2.06 2.43
CA TYR A 232 6.51 -1.25 1.24
C TYR A 232 6.14 -2.17 0.10
N ALA A 233 5.41 -1.60 -0.84
CA ALA A 233 4.88 -2.29 -2.04
C ALA A 233 4.74 -1.27 -3.15
N TRP A 234 5.59 -1.43 -4.16
CA TRP A 234 5.49 -0.75 -5.46
C TRP A 234 4.12 -1.04 -6.10
N PHE A 235 3.53 -0.03 -6.74
CA PHE A 235 2.31 -0.13 -7.57
C PHE A 235 2.69 -0.22 -9.05
N SER A 236 2.52 -1.37 -9.71
CA SER A 236 2.15 -2.66 -9.18
C SER A 236 3.08 -3.70 -9.80
N LEU A 237 2.86 -4.99 -9.52
CA LEU A 237 3.71 -6.08 -10.06
C LEU A 237 3.63 -6.10 -11.61
N SER A 238 2.44 -6.01 -12.19
CA SER A 238 2.22 -6.25 -13.65
C SER A 238 1.88 -4.96 -14.39
N THR A 239 2.45 -4.75 -15.57
CA THR A 239 2.11 -3.63 -16.49
C THR A 239 0.70 -3.82 -17.07
N SER A 240 0.10 -4.99 -16.89
CA SER A 240 -1.33 -5.15 -17.25
C SER A 240 -2.22 -4.47 -16.21
N THR A 241 -1.79 -4.27 -14.96
CA THR A 241 -2.56 -3.55 -13.91
C THR A 241 -2.33 -2.04 -14.09
N THR A 242 -1.09 -1.62 -14.38
CA THR A 242 -0.69 -0.20 -14.38
C THR A 242 0.51 -0.03 -15.30
N PRO A 243 0.52 1.06 -16.10
CA PRO A 243 1.69 1.38 -16.90
C PRO A 243 2.96 1.55 -16.06
N THR A 244 2.88 1.72 -14.75
CA THR A 244 4.07 1.75 -13.85
C THR A 244 4.46 0.35 -13.38
N GLY A 245 3.95 -0.70 -14.01
CA GLY A 245 4.18 -2.10 -13.61
C GLY A 245 5.63 -2.51 -13.76
N LEU A 246 6.08 -3.45 -12.91
CA LEU A 246 7.47 -3.99 -12.89
C LEU A 246 7.69 -5.08 -13.93
N TYR A 247 6.68 -5.91 -14.21
CA TYR A 247 6.76 -7.10 -15.11
C TYR A 247 5.74 -6.97 -16.25
N THR A 248 6.12 -7.45 -17.42
CA THR A 248 5.20 -7.85 -18.52
C THR A 248 5.26 -9.38 -18.59
N GLY A 249 4.15 -10.02 -18.22
CA GLY A 249 4.14 -11.47 -17.96
C GLY A 249 5.15 -11.81 -16.89
N THR A 250 6.17 -12.59 -17.26
CA THR A 250 7.25 -13.04 -16.35
C THR A 250 8.54 -12.25 -16.64
N THR A 251 8.52 -11.31 -17.58
CA THR A 251 9.71 -10.52 -17.95
C THR A 251 9.72 -9.19 -17.19
N PRO A 252 10.74 -8.94 -16.31
CA PRO A 252 10.91 -7.65 -15.67
C PRO A 252 11.46 -6.64 -16.67
N ASN A 253 10.97 -5.42 -16.58
CA ASN A 253 11.58 -4.26 -17.21
C ASN A 253 12.70 -3.78 -16.26
N SER A 254 13.35 -2.68 -16.56
CA SER A 254 14.50 -2.24 -15.73
C SER A 254 14.02 -1.76 -14.35
N SER A 255 12.74 -1.36 -14.18
CA SER A 255 12.16 -1.04 -12.83
C SER A 255 12.02 -2.32 -11.99
N GLY A 256 11.52 -3.38 -12.61
CA GLY A 256 11.41 -4.73 -12.02
C GLY A 256 12.78 -5.23 -11.56
N VAL A 257 13.83 -4.98 -12.34
CA VAL A 257 15.22 -5.42 -12.02
C VAL A 257 15.64 -4.66 -10.76
N ALA A 258 15.41 -3.35 -10.74
CA ALA A 258 15.75 -2.53 -9.56
C ALA A 258 15.00 -3.08 -8.36
N TYR A 259 13.75 -3.53 -8.55
CA TYR A 259 12.89 -3.90 -7.38
C TYR A 259 13.32 -5.28 -6.91
N ARG A 260 13.65 -6.13 -7.86
CA ARG A 260 14.20 -7.47 -7.54
C ARG A 260 15.38 -7.27 -6.60
N ALA A 261 16.23 -6.31 -6.90
CA ALA A 261 17.51 -6.02 -6.17
C ALA A 261 17.29 -5.15 -4.90
N ALA A 262 16.07 -4.70 -4.61
CA ALA A 262 15.75 -3.67 -3.60
C ALA A 262 15.74 -4.21 -2.17
N GLY A 263 15.53 -5.52 -1.96
CA GLY A 263 15.16 -6.06 -0.64
C GLY A 263 14.46 -7.39 -0.74
#